data_4A30
#
_entry.id   4A30
#
_cell.length_a   48.636
_cell.length_b   90.676
_cell.length_c   53.514
_cell.angle_alpha   90.00
_cell.angle_beta   114.02
_cell.angle_gamma   90.00
#
_symmetry.space_group_name_H-M   'P 1 21 1'
#
loop_
_entity.id
_entity.type
_entity.pdbx_description
1 polymer 'GLYCYLPEPTIDE N-TETRADECANOYLTRANSFERASE'
2 non-polymer 'CHLORIDE ION'
3 non-polymer GLYCEROL
4 non-polymer 4-BROMO-2,6-DICHLORO-N-(1,3,5-TRIMETHYL-1H-PYRAZOL-4-YL)BENZENESULFONAMIDE
5 non-polymer TETRADECANOYL-COA
6 water water
#
_entity_poly.entity_id   1
_entity_poly.type   'polypeptide(L)'
_entity_poly.pdbx_seq_one_letter_code
;MGSSHHHHHHSSGRENLYFQGPSNSDAAHAFWSTQPVPQTEDETEKIVFAGPMDEPKTVADIPEEPYPIASTFEWWTPNM
EAADDIHAIYELLRDNYVEDDDSMFRFNYSEEFLQWALCPPNYIPDWHVAVRRKADKKLLAFIAGVPVTLRMGTPKYMKV
KAQEKGEGEEAAKYDEPRHICEINFLCVHKQLREKRLAPILIKEATRRVNRTNVWQAVYTAGVLLPTPYASGQYFHRSLN
PEKLVEIRFSGIPAQYQKFQNPMAMLKRNYQLPSAPKNSGLREMKPSDVPQVRRILMNYLDSFDVGPVFSDAEISHYLLP
RDGVVFTYVVENDKKVTDFFSFYRIPSTVIGNSNYNLLNAAYVHYYAATSIPLHQLILDLLIVAHSRGFDVCNMVEILDN
RSFVEQLKFGAGDGHLRYYFYNWAYPKIKPSQVALVML
;
_entity_poly.pdbx_strand_id   A
#
loop_
_chem_comp.id
_chem_comp.type
_chem_comp.name
_chem_comp.formula
CL non-polymer 'CHLORIDE ION' 'Cl -1'
GOL non-polymer GLYCEROL 'C3 H8 O3'
MYA non-polymer TETRADECANOYL-COA 'C35 H62 N7 O17 P3 S'
QMI non-polymer 4-BROMO-2,6-DICHLORO-N-(1,3,5-TRIMETHYL-1H-PYRAZOL-4-YL)BENZENESULFONAMIDE 'C12 H12 Br Cl2 N3 O2 S'
#
# COMPACT_ATOMS: atom_id res chain seq x y z
N ALA A 28 -16.19 -21.59 -4.10
CA ALA A 28 -15.94 -22.14 -2.72
C ALA A 28 -14.60 -21.63 -2.20
N HIS A 29 -14.66 -21.19 -0.97
CA HIS A 29 -13.48 -20.74 -0.26
C HIS A 29 -13.38 -21.53 1.04
N ALA A 30 -12.64 -22.64 1.02
CA ALA A 30 -12.57 -23.52 2.21
C ALA A 30 -11.98 -22.78 3.39
N PHE A 31 -11.10 -21.79 3.15
CA PHE A 31 -10.55 -21.06 4.31
C PHE A 31 -11.41 -19.80 4.54
N TRP A 32 -11.54 -18.94 3.54
CA TRP A 32 -12.25 -17.68 3.74
C TRP A 32 -13.70 -17.76 4.19
N SER A 33 -14.40 -18.86 3.83
CA SER A 33 -15.74 -19.05 4.30
C SER A 33 -15.80 -19.28 5.84
N THR A 34 -14.66 -19.53 6.46
CA THR A 34 -14.58 -19.79 7.94
C THR A 34 -14.22 -18.49 8.71
N GLN A 35 -14.07 -17.39 7.97
CA GLN A 35 -13.51 -16.17 8.62
C GLN A 35 -14.53 -15.06 8.69
N PRO A 36 -14.30 -14.08 9.60
CA PRO A 36 -15.28 -13.04 9.90
C PRO A 36 -15.10 -11.90 8.89
N VAL A 37 -15.45 -12.17 7.65
CA VAL A 37 -15.49 -11.18 6.57
C VAL A 37 -16.78 -11.35 5.78
N PRO A 38 -17.29 -10.31 5.15
CA PRO A 38 -18.46 -10.51 4.31
C PRO A 38 -18.16 -11.49 3.22
N GLN A 39 -19.12 -12.36 2.88
CA GLN A 39 -18.80 -13.49 2.03
C GLN A 39 -19.10 -13.30 0.53
N THR A 40 -19.94 -12.32 0.21
CA THR A 40 -20.26 -12.03 -1.19
C THR A 40 -20.47 -10.57 -1.38
N GLU A 41 -20.40 -10.16 -2.66
CA GLU A 41 -20.68 -8.77 -3.05
C GLU A 41 -22.04 -8.38 -2.63
N ASP A 42 -23.00 -9.31 -2.78
CA ASP A 42 -24.39 -9.02 -2.37
C ASP A 42 -24.48 -8.72 -0.89
N GLU A 43 -23.78 -9.48 -0.05
CA GLU A 43 -23.78 -9.17 1.39
C GLU A 43 -23.21 -7.75 1.68
N THR A 44 -22.14 -7.39 0.97
CA THR A 44 -21.46 -6.10 1.19
C THR A 44 -22.28 -4.91 0.70
N GLU A 45 -23.03 -5.13 -0.38
CA GLU A 45 -24.00 -4.13 -0.86
C GLU A 45 -25.10 -3.81 0.17
N LYS A 46 -25.38 -4.76 1.07
CA LYS A 46 -26.44 -4.62 2.10
C LYS A 46 -25.97 -3.93 3.40
N ILE A 47 -24.66 -3.79 3.57
CA ILE A 47 -24.09 -3.18 4.79
C ILE A 47 -24.32 -1.69 4.85
N VAL A 48 -24.80 -1.21 6.01
CA VAL A 48 -25.16 0.20 6.16
C VAL A 48 -24.33 0.91 7.23
N PHE A 49 -23.80 0.16 8.19
CA PHE A 49 -23.03 0.76 9.26
C PHE A 49 -21.68 0.06 9.41
N ALA A 50 -20.66 0.80 9.83
CA ALA A 50 -19.43 0.14 10.23
C ALA A 50 -19.57 -0.54 11.58
N GLY A 51 -18.90 -1.67 11.72
CA GLY A 51 -18.75 -2.34 12.98
C GLY A 51 -18.24 -3.79 12.88
N PRO A 52 -17.99 -4.45 14.02
CA PRO A 52 -17.35 -5.75 13.98
C PRO A 52 -18.24 -6.86 13.39
N MET A 53 -17.64 -7.96 12.97
CA MET A 53 -18.43 -9.07 12.43
C MET A 53 -18.50 -10.19 13.47
N ASP A 54 -17.36 -10.53 14.09
CA ASP A 54 -17.16 -11.73 14.98
C ASP A 54 -17.80 -11.50 16.35
N GLU A 55 -18.04 -12.60 17.08
CA GLU A 55 -18.36 -12.56 18.52
C GLU A 55 -17.30 -11.68 19.26
N PRO A 56 -17.74 -10.89 20.29
CA PRO A 56 -16.71 -10.22 21.10
C PRO A 56 -15.87 -11.21 21.87
N LYS A 57 -14.56 -11.02 21.92
CA LYS A 57 -13.61 -11.91 22.58
C LYS A 57 -12.69 -11.08 23.41
N THR A 58 -12.06 -11.69 24.39
CA THR A 58 -10.96 -11.11 25.14
C THR A 58 -9.64 -11.74 24.87
N VAL A 59 -8.56 -11.09 25.21
CA VAL A 59 -7.32 -11.70 25.08
C VAL A 59 -7.26 -13.14 25.67
N ALA A 60 -7.81 -13.27 26.89
CA ALA A 60 -7.75 -14.55 27.62
C ALA A 60 -8.45 -15.68 26.82
N ASP A 61 -9.36 -15.34 25.87
CA ASP A 61 -10.04 -16.38 25.07
C ASP A 61 -9.13 -16.87 23.95
N ILE A 62 -8.03 -16.23 23.70
CA ILE A 62 -7.20 -16.60 22.56
C ILE A 62 -6.13 -17.54 22.91
N PRO A 63 -5.96 -18.62 22.10
CA PRO A 63 -4.95 -19.50 22.46
C PRO A 63 -3.58 -18.88 22.82
N GLU A 64 -3.00 -19.30 23.89
CA GLU A 64 -1.62 -18.92 24.21
C GLU A 64 -0.49 -19.42 23.30
N GLU A 65 -0.64 -20.65 22.75
CA GLU A 65 0.39 -21.42 22.08
C GLU A 65 0.20 -21.21 20.56
N PRO A 66 1.31 -21.16 19.81
CA PRO A 66 1.22 -20.97 18.35
C PRO A 66 0.36 -22.07 17.71
N TYR A 67 -0.23 -21.70 16.60
CA TYR A 67 -1.07 -22.60 15.85
C TYR A 67 -0.20 -23.81 15.44
N PRO A 68 -0.78 -24.99 15.47
CA PRO A 68 0.00 -26.19 15.13
C PRO A 68 0.47 -26.16 13.67
N ILE A 69 1.67 -26.65 13.44
CA ILE A 69 2.21 -26.78 12.04
C ILE A 69 3.02 -28.11 11.99
N ALA A 70 3.22 -28.63 10.78
CA ALA A 70 3.87 -29.95 10.60
C ALA A 70 5.20 -29.93 11.27
N SER A 71 5.63 -31.15 11.71
CA SER A 71 6.78 -31.26 12.55
C SER A 71 8.07 -30.88 11.84
N THR A 72 8.06 -30.86 10.48
CA THR A 72 9.27 -30.55 9.74
C THR A 72 9.45 -29.04 9.64
N PHE A 73 8.45 -28.28 10.13
CA PHE A 73 8.47 -26.78 10.07
C PHE A 73 8.48 -26.22 11.48
N GLU A 74 8.85 -24.92 11.57
CA GLU A 74 8.82 -24.18 12.77
C GLU A 74 8.39 -22.70 12.51
N TRP A 75 7.75 -22.09 13.44
CA TRP A 75 7.51 -20.65 13.43
C TRP A 75 8.75 -19.94 13.81
N TRP A 76 9.00 -18.81 13.16
CA TRP A 76 10.17 -17.97 13.41
C TRP A 76 9.73 -16.50 13.41
N THR A 77 10.12 -15.73 14.41
CA THR A 77 9.84 -14.29 14.47
C THR A 77 11.16 -13.61 14.12
N PRO A 78 11.33 -13.13 12.87
CA PRO A 78 12.58 -12.50 12.52
C PRO A 78 12.69 -11.20 13.31
N ASN A 79 13.95 -10.80 13.52
CA ASN A 79 14.27 -9.46 14.03
C ASN A 79 14.52 -8.47 12.88
N MET A 80 13.48 -7.68 12.52
CA MET A 80 13.51 -6.86 11.27
C MET A 80 14.27 -5.57 11.33
N GLU A 81 15.06 -5.44 12.39
CA GLU A 81 16.10 -4.46 12.48
C GLU A 81 17.51 -5.11 12.44
N ALA A 82 17.59 -6.45 12.35
CA ALA A 82 18.85 -7.23 12.31
C ALA A 82 19.09 -7.49 10.84
N ALA A 83 20.22 -7.02 10.36
CA ALA A 83 20.54 -7.02 8.91
C ALA A 83 20.39 -8.38 8.28
N ASP A 84 20.80 -9.46 8.96
CA ASP A 84 20.74 -10.74 8.36
C ASP A 84 19.31 -11.35 8.28
N ASP A 85 18.46 -11.04 9.25
CA ASP A 85 17.07 -11.48 9.30
C ASP A 85 16.35 -10.68 8.17
N ILE A 86 16.66 -9.37 8.06
CA ILE A 86 15.99 -8.57 6.96
C ILE A 86 16.43 -9.19 5.65
N HIS A 87 17.73 -9.56 5.49
CA HIS A 87 18.20 -10.15 4.23
C HIS A 87 17.49 -11.44 3.90
N ALA A 88 17.23 -12.29 4.92
CA ALA A 88 16.54 -13.55 4.62
C ALA A 88 15.13 -13.26 4.05
N ILE A 89 14.40 -12.30 4.64
CA ILE A 89 13.04 -11.98 4.24
C ILE A 89 13.19 -11.36 2.81
N TYR A 90 14.12 -10.44 2.67
CA TYR A 90 14.43 -9.88 1.33
C TYR A 90 14.58 -10.92 0.21
N GLU A 91 15.35 -11.99 0.48
CA GLU A 91 15.49 -13.02 -0.56
C GLU A 91 14.23 -13.82 -0.81
N LEU A 92 13.48 -14.20 0.24
CA LEU A 92 12.19 -14.88 0.06
C LEU A 92 11.31 -14.02 -0.86
N LEU A 93 11.19 -12.75 -0.53
CA LEU A 93 10.31 -11.89 -1.39
C LEU A 93 10.86 -11.65 -2.78
N ARG A 94 12.20 -11.44 -2.87
CA ARG A 94 12.82 -11.24 -4.21
C ARG A 94 12.44 -12.39 -5.16
N ASP A 95 12.55 -13.64 -4.63
CA ASP A 95 12.27 -14.81 -5.46
C ASP A 95 10.92 -15.36 -5.53
N ASN A 96 10.01 -14.89 -4.64
CA ASN A 96 8.73 -15.56 -4.52
C ASN A 96 7.50 -14.64 -4.28
N TYR A 97 7.74 -13.33 -4.31
CA TYR A 97 6.60 -12.41 -4.04
C TYR A 97 5.86 -12.05 -5.36
N VAL A 98 5.09 -10.97 -5.37
CA VAL A 98 4.03 -10.76 -6.40
C VAL A 98 4.70 -10.61 -7.78
N GLU A 99 4.11 -11.30 -8.72
CA GLU A 99 4.42 -11.13 -10.16
C GLU A 99 3.21 -10.57 -10.85
N ASP A 100 3.47 -10.02 -12.03
CA ASP A 100 2.32 -9.70 -12.96
C ASP A 100 1.74 -11.05 -13.44
N ASP A 101 0.65 -10.91 -14.17
CA ASP A 101 -0.04 -12.15 -14.69
C ASP A 101 0.71 -12.84 -15.79
N ASP A 102 1.68 -12.19 -16.40
CA ASP A 102 2.43 -12.90 -17.39
C ASP A 102 3.87 -13.15 -17.03
N SER A 103 4.09 -13.10 -15.70
CA SER A 103 5.39 -13.41 -15.13
C SER A 103 6.53 -12.75 -15.99
N MET A 104 6.42 -11.44 -16.15
CA MET A 104 7.47 -10.57 -16.71
C MET A 104 8.14 -9.73 -15.62
N PHE A 105 7.46 -9.48 -14.49
CA PHE A 105 7.99 -8.63 -13.43
C PHE A 105 7.64 -9.23 -12.08
N ARG A 106 8.57 -9.08 -11.14
CA ARG A 106 8.35 -9.51 -9.78
C ARG A 106 8.87 -8.43 -8.85
N PHE A 107 8.08 -8.04 -7.82
CA PHE A 107 8.59 -6.97 -6.93
C PHE A 107 9.92 -7.36 -6.35
N ASN A 108 10.76 -6.33 -6.16
CA ASN A 108 12.09 -6.58 -5.50
C ASN A 108 12.30 -5.51 -4.42
N TYR A 109 11.40 -5.50 -3.45
CA TYR A 109 11.54 -4.60 -2.30
C TYR A 109 12.95 -4.67 -1.72
N SER A 110 13.52 -3.51 -1.42
CA SER A 110 14.89 -3.60 -0.93
C SER A 110 14.93 -3.87 0.54
N GLU A 111 16.12 -4.26 1.03
CA GLU A 111 16.27 -4.47 2.44
C GLU A 111 15.99 -3.23 3.28
N GLU A 112 16.40 -2.07 2.78
CA GLU A 112 16.17 -0.88 3.51
C GLU A 112 14.65 -0.50 3.48
N PHE A 113 14.02 -0.83 2.32
CA PHE A 113 12.56 -0.55 2.31
C PHE A 113 11.87 -1.45 3.32
N LEU A 114 12.28 -2.74 3.40
CA LEU A 114 11.57 -3.64 4.33
C LEU A 114 11.76 -3.22 5.79
N GLN A 115 12.93 -2.75 6.16
CA GLN A 115 13.12 -2.25 7.53
C GLN A 115 12.24 -1.05 7.81
N TRP A 116 12.14 -0.16 6.82
CA TRP A 116 11.26 1.03 6.92
C TRP A 116 9.82 0.64 7.07
N ALA A 117 9.36 -0.24 6.15
CA ALA A 117 7.95 -0.57 6.14
C ALA A 117 7.46 -1.46 7.35
N LEU A 118 8.39 -2.28 7.84
CA LEU A 118 8.01 -3.23 8.88
C LEU A 118 8.22 -2.66 10.28
N CYS A 119 9.00 -1.60 10.44
CA CYS A 119 9.40 -1.13 11.79
C CYS A 119 8.98 0.32 12.04
N PRO A 120 7.69 0.67 11.89
CA PRO A 120 7.25 2.05 12.20
C PRO A 120 7.23 2.22 13.73
N PRO A 121 7.00 3.41 14.23
CA PRO A 121 6.96 3.65 15.68
C PRO A 121 5.96 2.73 16.38
N ASN A 122 6.42 2.19 17.48
CA ASN A 122 5.62 1.27 18.32
C ASN A 122 5.23 -0.02 17.60
N TYR A 123 6.01 -0.42 16.59
CA TYR A 123 5.73 -1.72 15.95
C TYR A 123 5.86 -2.84 16.99
N ILE A 124 5.22 -3.96 16.66
CA ILE A 124 5.11 -5.15 17.59
C ILE A 124 5.92 -6.21 16.90
N PRO A 125 7.11 -6.59 17.36
CA PRO A 125 7.95 -7.57 16.69
C PRO A 125 7.25 -8.92 16.44
N ASP A 126 6.40 -9.30 17.40
CA ASP A 126 5.65 -10.61 17.30
C ASP A 126 4.66 -10.64 16.13
N TRP A 127 4.30 -9.47 15.59
CA TRP A 127 3.42 -9.50 14.36
C TRP A 127 4.14 -9.76 13.12
N HIS A 128 5.43 -9.97 13.12
CA HIS A 128 6.19 -10.41 11.93
C HIS A 128 6.36 -11.93 12.05
N VAL A 129 5.71 -12.65 11.15
CA VAL A 129 5.54 -14.12 11.32
C VAL A 129 6.15 -14.84 10.20
N ALA A 130 7.10 -15.75 10.43
CA ALA A 130 7.68 -16.55 9.35
C ALA A 130 7.59 -18.05 9.68
N VAL A 131 7.60 -18.82 8.63
CA VAL A 131 7.79 -20.29 8.71
C VAL A 131 9.15 -20.64 8.10
N ARG A 132 9.94 -21.45 8.85
CA ARG A 132 11.20 -22.04 8.41
C ARG A 132 11.14 -23.57 8.40
N ARG A 133 11.91 -24.16 7.51
CA ARG A 133 12.15 -25.62 7.61
C ARG A 133 13.02 -25.83 8.83
N LYS A 134 12.58 -26.72 9.73
CA LYS A 134 13.22 -26.91 11.03
C LYS A 134 14.67 -27.40 10.85
N ALA A 135 14.85 -28.39 9.96
CA ALA A 135 16.19 -28.95 9.64
C ALA A 135 17.26 -27.90 9.32
N ASP A 136 17.15 -27.28 8.15
CA ASP A 136 18.13 -26.25 7.69
C ASP A 136 17.79 -24.75 7.92
N LYS A 137 16.64 -24.45 8.55
CA LYS A 137 16.22 -23.03 8.80
C LYS A 137 15.97 -22.26 7.50
N LYS A 138 15.75 -23.00 6.38
CA LYS A 138 15.30 -22.38 5.12
C LYS A 138 13.95 -21.66 5.31
N LEU A 139 13.90 -20.36 4.97
CA LEU A 139 12.69 -19.56 5.10
C LEU A 139 11.74 -20.01 4.01
N LEU A 140 10.52 -20.33 4.38
CA LEU A 140 9.53 -20.92 3.50
C LEU A 140 8.33 -19.97 3.31
N ALA A 141 8.05 -19.08 4.27
CA ALA A 141 6.80 -18.28 4.19
C ALA A 141 6.91 -17.15 5.17
N PHE A 142 6.13 -16.07 4.90
CA PHE A 142 6.15 -14.84 5.72
C PHE A 142 4.83 -14.14 5.64
N ILE A 143 4.49 -13.43 6.70
CA ILE A 143 3.37 -12.44 6.69
C ILE A 143 3.76 -11.37 7.66
N ALA A 144 3.41 -10.12 7.43
CA ALA A 144 3.80 -9.09 8.39
C ALA A 144 2.59 -8.25 8.76
N GLY A 145 2.49 -7.90 10.07
CA GLY A 145 1.51 -6.94 10.53
C GLY A 145 2.23 -5.74 11.15
N VAL A 146 1.68 -4.57 10.91
CA VAL A 146 2.18 -3.35 11.60
C VAL A 146 1.01 -2.58 12.16
N PRO A 147 1.17 -1.82 13.25
CA PRO A 147 0.11 -1.03 13.76
C PRO A 147 -0.24 0.13 12.82
N VAL A 148 -1.53 0.47 12.76
CA VAL A 148 -2.04 1.67 12.12
C VAL A 148 -3.24 2.19 12.92
N THR A 149 -3.34 3.52 13.01
CA THR A 149 -4.54 4.13 13.62
C THR A 149 -5.37 4.57 12.45
N LEU A 150 -6.60 3.91 12.30
CA LEU A 150 -7.33 4.13 11.07
C LEU A 150 -8.72 4.70 11.46
N ARG A 151 -9.15 5.71 10.73
CA ARG A 151 -10.58 6.14 10.75
C ARG A 151 -11.30 5.15 9.87
N MET A 152 -12.26 4.46 10.43
CA MET A 152 -13.00 3.43 9.69
C MET A 152 -14.44 3.36 10.22
N GLY A 153 -14.95 4.52 10.58
CA GLY A 153 -16.40 4.59 10.90
C GLY A 153 -17.26 4.69 9.66
N THR A 154 -18.60 4.66 9.88
CA THR A 154 -19.57 4.73 8.78
C THR A 154 -19.25 5.87 7.83
N PRO A 155 -19.23 5.58 6.53
CA PRO A 155 -18.93 6.61 5.58
C PRO A 155 -19.98 7.70 5.44
N LYS A 156 -19.55 8.81 4.87
CA LYS A 156 -20.48 10.00 4.78
C LYS A 156 -21.81 9.65 4.14
N TYR A 157 -21.81 8.90 3.04
CA TYR A 157 -23.11 8.72 2.31
C TYR A 157 -24.01 7.86 3.18
N MET A 158 -23.46 6.99 3.99
CA MET A 158 -24.26 6.10 4.82
C MET A 158 -24.74 6.86 6.07
N LYS A 159 -23.96 7.81 6.55
CA LYS A 159 -24.39 8.63 7.69
C LYS A 159 -25.60 9.48 7.29
N VAL A 160 -25.64 9.94 6.05
CA VAL A 160 -26.80 10.65 5.56
C VAL A 160 -28.07 9.80 5.58
N LYS A 161 -27.98 8.57 5.08
CA LYS A 161 -29.09 7.67 5.06
C LYS A 161 -29.52 7.48 6.55
N ALA A 162 -28.56 7.30 7.45
CA ALA A 162 -28.88 6.94 8.87
C ALA A 162 -29.64 8.06 9.53
N GLN A 163 -29.30 9.29 9.17
CA GLN A 163 -30.02 10.47 9.66
C GLN A 163 -31.43 10.54 9.21
N GLU A 164 -31.62 10.29 7.91
CA GLU A 164 -32.96 10.24 7.31
C GLU A 164 -33.84 9.31 8.15
N LYS A 165 -33.26 8.18 8.56
CA LYS A 165 -33.98 7.08 9.20
C LYS A 165 -33.97 7.05 10.73
N GLY A 166 -33.39 8.08 11.37
CA GLY A 166 -33.30 8.18 12.87
C GLY A 166 -32.34 7.19 13.53
N GLU A 167 -31.36 6.77 12.72
CA GLU A 167 -30.35 5.78 13.14
C GLU A 167 -28.94 6.42 13.24
N GLY A 168 -28.82 7.71 13.57
CA GLY A 168 -27.52 8.44 13.69
C GLY A 168 -26.62 7.81 14.72
N GLU A 169 -27.18 7.46 15.89
CA GLU A 169 -26.37 6.92 16.97
C GLU A 169 -25.65 5.62 16.55
N GLU A 170 -26.40 4.69 16.03
CA GLU A 170 -25.85 3.44 15.54
C GLU A 170 -24.72 3.68 14.51
N ALA A 171 -24.96 4.63 13.62
CA ALA A 171 -24.04 4.88 12.50
C ALA A 171 -22.78 5.51 13.02
N ALA A 172 -22.87 6.25 14.14
CA ALA A 172 -21.68 6.95 14.71
C ALA A 172 -20.90 6.13 15.75
N LYS A 173 -21.40 4.94 16.05
CA LYS A 173 -20.89 4.17 17.17
C LYS A 173 -19.36 3.89 17.14
N TYR A 174 -18.85 3.67 15.91
CA TYR A 174 -17.44 3.33 15.70
C TYR A 174 -16.64 4.40 14.97
N ASP A 175 -17.02 5.67 15.18
CA ASP A 175 -16.37 6.79 14.57
C ASP A 175 -14.97 7.03 15.05
N GLU A 176 -14.67 6.62 16.28
CA GLU A 176 -13.34 6.97 16.86
C GLU A 176 -12.23 6.22 16.09
N PRO A 177 -11.14 6.88 15.78
CA PRO A 177 -10.06 6.12 15.06
C PRO A 177 -9.58 4.95 15.86
N ARG A 178 -9.37 3.83 15.19
CA ARG A 178 -9.11 2.57 15.85
C ARG A 178 -7.63 2.13 15.63
N HIS A 179 -7.07 1.52 16.66
CA HIS A 179 -5.67 1.02 16.63
C HIS A 179 -5.78 -0.41 16.12
N ILE A 180 -5.46 -0.61 14.82
CA ILE A 180 -5.65 -1.91 14.20
C ILE A 180 -4.35 -2.42 13.62
N CYS A 181 -4.41 -3.52 12.88
CA CYS A 181 -3.24 -4.13 12.25
C CYS A 181 -3.34 -3.88 10.78
N GLU A 182 -2.22 -3.55 10.11
CA GLU A 182 -2.19 -3.53 8.64
C GLU A 182 -1.32 -4.70 8.28
N ILE A 183 -1.84 -5.58 7.42
CA ILE A 183 -1.10 -6.76 6.92
C ILE A 183 -0.53 -6.53 5.56
N ASN A 184 0.67 -7.04 5.37
CA ASN A 184 1.30 -6.94 4.01
C ASN A 184 2.31 -8.09 3.97
N PHE A 185 2.85 -8.24 2.74
CA PHE A 185 4.01 -9.13 2.50
C PHE A 185 3.70 -10.61 2.74
N LEU A 186 2.45 -11.00 2.58
CA LEU A 186 2.13 -12.48 2.68
C LEU A 186 2.87 -13.15 1.49
N CYS A 187 3.58 -14.22 1.77
CA CYS A 187 4.43 -14.88 0.74
C CYS A 187 4.67 -16.31 1.12
N VAL A 188 4.36 -17.20 0.20
CA VAL A 188 4.74 -18.64 0.37
C VAL A 188 5.74 -18.93 -0.73
N HIS A 189 6.79 -19.63 -0.37
CA HIS A 189 7.79 -20.03 -1.34
C HIS A 189 7.14 -20.80 -2.53
N LYS A 190 7.64 -20.54 -3.75
CA LYS A 190 7.08 -21.25 -4.93
C LYS A 190 6.99 -22.80 -4.83
N GLN A 191 7.94 -23.40 -4.14
CA GLN A 191 7.89 -24.84 -4.05
C GLN A 191 6.83 -25.37 -3.10
N LEU A 192 6.26 -24.47 -2.31
CA LEU A 192 5.29 -24.84 -1.25
C LEU A 192 3.88 -24.35 -1.62
N ARG A 193 3.71 -23.90 -2.85
CA ARG A 193 2.41 -23.38 -3.26
C ARG A 193 1.25 -24.36 -3.28
N GLU A 194 0.07 -23.90 -2.96
CA GLU A 194 -1.17 -24.69 -3.04
C GLU A 194 -1.14 -25.87 -2.07
N LYS A 195 -0.43 -25.70 -0.96
CA LYS A 195 -0.38 -26.71 0.12
C LYS A 195 -1.16 -26.22 1.34
N ARG A 196 -2.00 -25.20 1.16
CA ARG A 196 -2.74 -24.64 2.29
C ARG A 196 -1.83 -24.07 3.42
N LEU A 197 -0.62 -23.59 3.12
CA LEU A 197 0.15 -22.92 4.14
C LEU A 197 -0.35 -21.49 4.39
N ALA A 198 -0.86 -20.81 3.35
CA ALA A 198 -1.23 -19.37 3.56
C ALA A 198 -2.35 -19.26 4.63
N PRO A 199 -3.38 -20.12 4.63
CA PRO A 199 -4.34 -20.11 5.74
C PRO A 199 -3.70 -20.26 7.14
N ILE A 200 -2.69 -21.10 7.28
CA ILE A 200 -2.06 -21.33 8.58
C ILE A 200 -1.35 -20.02 8.97
N LEU A 201 -0.64 -19.41 8.04
CA LEU A 201 0.07 -18.13 8.34
C LEU A 201 -0.97 -17.07 8.75
N ILE A 202 -2.06 -16.93 8.03
CA ILE A 202 -3.13 -15.98 8.33
C ILE A 202 -3.67 -16.25 9.77
N LYS A 203 -3.97 -17.52 10.06
CA LYS A 203 -4.56 -17.85 11.40
C LYS A 203 -3.55 -17.53 12.49
N GLU A 204 -2.27 -17.80 12.30
CA GLU A 204 -1.20 -17.48 13.30
C GLU A 204 -0.98 -15.95 13.47
N ALA A 205 -1.01 -15.19 12.37
CA ALA A 205 -0.89 -13.75 12.52
C ALA A 205 -2.14 -13.25 13.25
N THR A 206 -3.32 -13.76 12.91
CA THR A 206 -4.58 -13.38 13.59
C THR A 206 -4.42 -13.61 15.12
N ARG A 207 -3.95 -14.77 15.46
CA ARG A 207 -3.73 -15.14 16.91
C ARG A 207 -2.84 -14.12 17.59
N ARG A 208 -1.66 -13.88 16.95
CA ARG A 208 -0.68 -12.97 17.62
C ARG A 208 -1.27 -11.57 17.75
N VAL A 209 -2.00 -11.10 16.77
CA VAL A 209 -2.59 -9.78 16.83
C VAL A 209 -3.74 -9.74 17.88
N ASN A 210 -4.58 -10.80 17.95
CA ASN A 210 -5.66 -10.81 18.95
C ASN A 210 -5.06 -10.91 20.40
N ARG A 211 -3.88 -11.52 20.54
CA ARG A 211 -3.24 -11.61 21.88
C ARG A 211 -2.79 -10.25 22.35
N THR A 212 -2.68 -9.33 21.38
CA THR A 212 -2.34 -7.94 21.76
C THR A 212 -3.63 -7.10 21.86
N ASN A 213 -4.84 -7.67 21.91
CA ASN A 213 -6.08 -6.99 22.04
C ASN A 213 -6.47 -6.08 20.84
N VAL A 214 -6.07 -6.62 19.64
CA VAL A 214 -6.48 -5.94 18.38
C VAL A 214 -7.30 -6.99 17.57
N TRP A 215 -8.39 -6.49 16.99
CA TRP A 215 -9.37 -7.41 16.45
C TRP A 215 -9.81 -7.08 15.05
N GLN A 216 -9.33 -5.96 14.45
CA GLN A 216 -9.52 -5.69 13.05
C GLN A 216 -8.15 -5.62 12.34
N ALA A 217 -8.18 -5.89 11.04
CA ALA A 217 -6.99 -5.61 10.18
C ALA A 217 -7.48 -4.96 8.94
N VAL A 218 -6.53 -4.29 8.26
CA VAL A 218 -6.77 -3.80 6.88
C VAL A 218 -5.69 -4.40 6.07
N TYR A 219 -6.09 -4.78 4.82
CA TYR A 219 -5.09 -5.31 3.85
C TYR A 219 -5.58 -5.04 2.45
N THR A 220 -4.65 -5.16 1.50
CA THR A 220 -4.99 -5.00 0.11
C THR A 220 -4.47 -6.22 -0.65
N ALA A 221 -5.07 -6.41 -1.87
CA ALA A 221 -4.54 -7.46 -2.80
C ALA A 221 -4.92 -7.04 -4.19
N GLY A 222 -4.10 -7.49 -5.11
CA GLY A 222 -4.41 -7.34 -6.57
C GLY A 222 -5.30 -8.43 -7.06
N VAL A 223 -5.74 -9.35 -6.20
CA VAL A 223 -6.70 -10.36 -6.59
C VAL A 223 -7.97 -10.17 -5.81
N LEU A 224 -9.05 -10.79 -6.28
CA LEU A 224 -10.38 -10.71 -5.71
C LEU A 224 -10.61 -11.79 -4.69
N LEU A 225 -10.89 -11.36 -3.45
CA LEU A 225 -11.12 -12.24 -2.32
C LEU A 225 -12.44 -11.79 -1.67
N PRO A 226 -12.98 -12.60 -0.76
CA PRO A 226 -14.19 -12.10 -0.02
C PRO A 226 -13.79 -11.05 1.06
N THR A 227 -14.28 -9.84 1.02
CA THR A 227 -14.99 -9.15 -0.06
C THR A 227 -14.49 -7.72 0.04
N PRO A 228 -14.08 -7.08 -1.05
CA PRO A 228 -13.46 -5.74 -0.93
C PRO A 228 -14.53 -4.70 -0.45
N TYR A 229 -14.12 -3.68 0.30
CA TYR A 229 -14.99 -2.50 0.48
C TYR A 229 -14.68 -1.39 -0.55
N ALA A 230 -13.55 -1.49 -1.25
CA ALA A 230 -13.25 -0.53 -2.31
C ALA A 230 -12.29 -1.23 -3.28
N SER A 231 -12.29 -0.75 -4.52
CA SER A 231 -11.32 -1.21 -5.50
C SER A 231 -10.91 -0.03 -6.38
N GLY A 232 -9.60 0.06 -6.71
CA GLY A 232 -9.13 1.18 -7.56
C GLY A 232 -8.23 0.67 -8.63
N GLN A 233 -8.36 1.15 -9.86
CA GLN A 233 -7.43 0.83 -10.92
C GLN A 233 -6.07 1.46 -10.66
N TYR A 234 -5.00 0.78 -11.11
CA TYR A 234 -3.64 1.38 -11.20
C TYR A 234 -3.54 2.31 -12.39
N PHE A 235 -2.65 3.29 -12.22
CA PHE A 235 -2.30 4.25 -13.27
C PHE A 235 -0.80 4.39 -13.31
N HIS A 236 -0.29 4.75 -14.48
CA HIS A 236 1.19 4.70 -14.78
C HIS A 236 1.57 5.85 -15.61
N ARG A 237 2.60 6.56 -15.21
CA ARG A 237 3.12 7.71 -15.95
C ARG A 237 4.52 7.35 -16.42
N SER A 238 4.71 7.25 -17.76
CA SER A 238 6.03 6.86 -18.33
C SER A 238 7.06 7.96 -18.13
N LEU A 239 8.21 7.56 -17.58
CA LEU A 239 9.29 8.55 -17.36
C LEU A 239 10.43 8.15 -18.33
N ASN A 240 10.65 6.86 -18.56
CA ASN A 240 11.69 6.40 -19.52
C ASN A 240 10.98 5.48 -20.50
N PRO A 241 10.27 6.03 -21.49
CA PRO A 241 9.44 5.20 -22.39
C PRO A 241 10.23 4.21 -23.25
N GLU A 242 11.43 4.58 -23.70
CA GLU A 242 12.23 3.61 -24.54
C GLU A 242 12.45 2.30 -23.72
N LYS A 243 12.78 2.45 -22.43
CA LYS A 243 13.04 1.23 -21.61
C LYS A 243 11.72 0.47 -21.37
N LEU A 244 10.64 1.22 -21.02
CA LEU A 244 9.37 0.57 -20.73
C LEU A 244 8.84 -0.22 -21.93
N VAL A 245 9.15 0.32 -23.12
CA VAL A 245 8.70 -0.41 -24.37
C VAL A 245 9.59 -1.66 -24.57
N GLU A 246 10.89 -1.51 -24.36
CA GLU A 246 11.90 -2.60 -24.57
C GLU A 246 11.48 -3.80 -23.68
N ILE A 247 11.13 -3.50 -22.41
CA ILE A 247 10.76 -4.59 -21.50
C ILE A 247 9.26 -5.02 -21.54
N ARG A 248 8.45 -4.48 -22.43
CA ARG A 248 7.09 -4.78 -22.62
C ARG A 248 6.22 -4.45 -21.45
N PHE A 249 6.68 -3.44 -20.69
CA PHE A 249 5.74 -2.82 -19.71
C PHE A 249 4.69 -2.00 -20.47
N SER A 250 5.15 -1.26 -21.49
CA SER A 250 4.29 -0.39 -22.29
C SER A 250 4.36 -0.86 -23.73
N GLY A 251 3.39 -0.45 -24.50
CA GLY A 251 3.48 -0.67 -25.92
C GLY A 251 3.28 0.67 -26.57
N ILE A 252 2.73 0.60 -27.77
CA ILE A 252 2.53 1.79 -28.57
C ILE A 252 1.10 1.84 -29.07
N PRO A 253 0.45 2.97 -28.78
CA PRO A 253 -0.79 3.22 -29.49
C PRO A 253 -0.57 3.01 -31.01
N ALA A 254 -1.46 2.21 -31.59
CA ALA A 254 -1.46 2.01 -33.05
C ALA A 254 -1.40 3.36 -33.76
N GLN A 255 -2.00 4.41 -33.17
CA GLN A 255 -1.91 5.79 -33.72
C GLN A 255 -0.48 6.24 -33.97
N TYR A 256 0.47 5.66 -33.26
CA TYR A 256 1.86 6.10 -33.43
C TYR A 256 2.35 5.50 -34.74
N GLN A 257 1.65 4.51 -35.30
CA GLN A 257 2.14 3.90 -36.57
C GLN A 257 2.06 4.87 -37.76
N LYS A 258 1.06 5.76 -37.72
CA LYS A 258 0.85 6.83 -38.71
C LYS A 258 2.05 7.80 -38.82
N PHE A 259 3.04 7.61 -37.94
CA PHE A 259 4.28 8.43 -37.91
C PHE A 259 5.52 7.73 -38.50
N GLN A 260 6.40 8.54 -39.06
CA GLN A 260 7.67 8.09 -39.65
C GLN A 260 8.46 7.33 -38.61
N ASN A 261 8.45 7.88 -37.40
CA ASN A 261 9.29 7.35 -36.35
C ASN A 261 8.53 7.26 -35.01
N PRO A 262 7.85 6.13 -34.78
CA PRO A 262 7.03 6.05 -33.58
C PRO A 262 7.74 6.39 -32.26
N MET A 263 9.00 5.98 -32.10
CA MET A 263 9.67 6.11 -30.78
C MET A 263 10.22 7.49 -30.42
N ALA A 264 10.54 8.26 -31.46
CA ALA A 264 11.06 9.57 -31.19
C ALA A 264 9.91 10.46 -30.71
N MET A 265 8.79 10.25 -31.36
CA MET A 265 7.51 10.88 -31.01
C MET A 265 7.26 10.50 -29.51
N LEU A 266 7.48 9.24 -29.17
CA LEU A 266 7.10 8.74 -27.78
C LEU A 266 7.94 9.45 -26.72
N LYS A 267 9.25 9.46 -26.88
CA LYS A 267 10.12 10.24 -26.02
C LYS A 267 9.72 11.70 -25.84
N ARG A 268 9.38 12.35 -26.96
CA ARG A 268 8.99 13.76 -26.90
C ARG A 268 7.66 13.92 -26.11
N ASN A 269 6.74 12.99 -26.31
CA ASN A 269 5.49 13.08 -25.65
C ASN A 269 5.68 13.06 -24.13
N TYR A 270 6.65 12.24 -23.67
CA TYR A 270 6.78 12.06 -22.21
C TYR A 270 7.83 12.87 -21.57
N GLN A 271 8.52 13.72 -22.38
CA GLN A 271 9.59 14.53 -21.84
C GLN A 271 9.17 15.47 -20.73
N LEU A 272 10.07 15.69 -19.80
CA LEU A 272 9.83 16.47 -18.61
C LEU A 272 10.94 17.49 -18.40
N PRO A 273 10.65 18.58 -17.70
CA PRO A 273 11.64 19.52 -17.32
C PRO A 273 12.74 18.86 -16.55
N SER A 274 13.93 19.46 -16.58
CA SER A 274 15.10 18.90 -15.92
C SER A 274 15.14 19.29 -14.44
N ALA A 275 14.33 20.28 -14.06
CA ALA A 275 14.34 20.81 -12.71
C ALA A 275 12.95 21.20 -12.33
N PRO A 276 12.62 21.12 -11.05
CA PRO A 276 11.33 21.44 -10.43
C PRO A 276 10.86 22.82 -10.82
N LYS A 277 9.56 23.03 -10.96
CA LYS A 277 9.03 24.34 -11.33
C LYS A 277 8.55 25.18 -10.19
N ASN A 278 8.14 24.58 -9.07
CA ASN A 278 7.67 25.36 -7.96
C ASN A 278 8.84 25.99 -7.21
N SER A 279 8.89 27.33 -7.17
CA SER A 279 9.91 27.95 -6.34
C SER A 279 9.61 27.61 -4.88
N GLY A 280 10.67 27.37 -4.18
CA GLY A 280 10.48 27.03 -2.79
C GLY A 280 10.27 25.56 -2.52
N LEU A 281 10.27 24.75 -3.58
CA LEU A 281 10.32 23.31 -3.36
C LEU A 281 11.70 22.95 -2.81
N ARG A 282 11.76 22.08 -1.78
CA ARG A 282 13.01 21.49 -1.35
C ARG A 282 12.70 20.18 -0.59
N GLU A 283 13.73 19.42 -0.25
CA GLU A 283 13.49 18.13 0.47
C GLU A 283 12.98 18.44 1.89
N MET A 284 12.06 17.64 2.40
CA MET A 284 11.63 17.72 3.75
C MET A 284 12.80 17.45 4.75
N LYS A 285 12.68 18.21 5.84
CA LYS A 285 13.65 18.07 6.96
C LYS A 285 12.90 17.79 8.24
N PRO A 286 13.61 17.32 9.27
CA PRO A 286 12.92 16.97 10.51
C PRO A 286 12.09 18.11 11.10
N SER A 287 12.55 19.38 11.02
CA SER A 287 11.73 20.44 11.57
C SER A 287 10.40 20.73 10.86
N ASP A 288 10.23 20.13 9.68
CA ASP A 288 8.95 20.28 8.94
C ASP A 288 7.86 19.36 9.52
N VAL A 289 8.22 18.43 10.38
CA VAL A 289 7.27 17.37 10.73
C VAL A 289 5.95 17.93 11.27
N PRO A 290 5.94 18.92 12.18
CA PRO A 290 4.63 19.32 12.71
C PRO A 290 3.80 19.97 11.63
N GLN A 291 4.36 20.79 10.76
CA GLN A 291 3.56 21.47 9.68
C GLN A 291 3.02 20.41 8.70
N VAL A 292 3.87 19.47 8.33
CA VAL A 292 3.44 18.40 7.38
C VAL A 292 2.36 17.58 8.02
N ARG A 293 2.45 17.26 9.28
CA ARG A 293 1.41 16.53 10.00
C ARG A 293 0.09 17.29 9.92
N ARG A 294 0.13 18.57 10.22
CA ARG A 294 -1.09 19.39 10.20
C ARG A 294 -1.73 19.44 8.77
N ILE A 295 -0.97 19.74 7.74
CA ILE A 295 -1.62 19.86 6.43
C ILE A 295 -2.02 18.54 5.90
N LEU A 296 -1.25 17.51 6.19
CA LEU A 296 -1.73 16.14 5.75
C LEU A 296 -2.96 15.74 6.49
N MET A 297 -3.00 15.84 7.81
CA MET A 297 -4.17 15.37 8.57
C MET A 297 -5.40 16.20 8.21
N ASN A 298 -5.27 17.49 7.90
CA ASN A 298 -6.43 18.33 7.48
C ASN A 298 -7.00 17.79 6.20
N TYR A 299 -6.10 17.34 5.31
CA TYR A 299 -6.53 16.87 3.99
C TYR A 299 -7.11 15.46 4.12
N LEU A 300 -6.44 14.56 4.81
CA LEU A 300 -6.92 13.18 4.87
C LEU A 300 -8.28 13.07 5.62
N ASP A 301 -8.54 13.94 6.59
CA ASP A 301 -9.85 13.94 7.27
C ASP A 301 -11.06 14.04 6.33
N SER A 302 -10.90 14.55 5.11
CA SER A 302 -11.99 14.68 4.20
C SER A 302 -12.45 13.31 3.59
N PHE A 303 -11.64 12.25 3.74
CA PHE A 303 -11.97 10.93 3.15
C PHE A 303 -12.55 10.02 4.14
N ASP A 304 -13.34 9.07 3.70
CA ASP A 304 -14.08 8.19 4.62
C ASP A 304 -13.16 7.27 5.38
N VAL A 305 -12.15 6.66 4.69
CA VAL A 305 -11.19 5.74 5.32
C VAL A 305 -9.80 6.34 5.20
N GLY A 306 -9.15 6.53 6.34
CA GLY A 306 -7.83 7.17 6.27
C GLY A 306 -7.07 6.97 7.56
N PRO A 307 -5.74 7.07 7.49
CA PRO A 307 -4.90 6.92 8.71
C PRO A 307 -4.77 8.20 9.53
N VAL A 308 -4.50 8.01 10.80
CA VAL A 308 -4.19 9.15 11.69
C VAL A 308 -2.77 8.98 12.14
N PHE A 309 -1.93 10.01 11.90
CA PHE A 309 -0.49 9.90 12.17
C PHE A 309 -0.02 10.85 13.24
N SER A 310 0.74 10.31 14.16
CA SER A 310 1.42 11.18 15.17
C SER A 310 2.64 11.85 14.50
N ASP A 311 3.26 12.81 15.21
CA ASP A 311 4.50 13.37 14.68
C ASP A 311 5.53 12.24 14.44
N ALA A 312 5.66 11.26 15.34
CA ALA A 312 6.59 10.15 15.11
C ALA A 312 6.34 9.34 13.84
N GLU A 313 5.07 9.19 13.56
CA GLU A 313 4.67 8.40 12.37
C GLU A 313 4.88 9.28 11.11
N ILE A 314 4.61 10.60 11.16
CA ILE A 314 4.96 11.45 10.04
C ILE A 314 6.46 11.38 9.77
N SER A 315 7.28 11.52 10.84
CA SER A 315 8.71 11.45 10.70
C SER A 315 9.12 10.13 10.04
N HIS A 316 8.61 9.04 10.57
CA HIS A 316 8.98 7.74 10.02
C HIS A 316 8.61 7.54 8.54
N TYR A 317 7.32 7.85 8.27
CA TYR A 317 6.82 7.52 6.93
C TYR A 317 7.22 8.55 5.89
N LEU A 318 7.57 9.82 6.32
CA LEU A 318 7.78 10.89 5.30
C LEU A 318 9.21 11.42 5.25
N LEU A 319 9.99 11.32 6.34
CA LEU A 319 11.33 11.93 6.15
C LEU A 319 12.13 11.18 5.15
N PRO A 320 12.83 11.87 4.26
CA PRO A 320 13.60 11.17 3.25
C PRO A 320 14.50 10.09 3.73
N ARG A 321 14.53 8.96 3.04
CA ARG A 321 15.47 7.86 3.27
C ARG A 321 16.02 7.41 1.92
N ASP A 322 17.34 7.42 1.71
CA ASP A 322 17.90 7.27 0.37
C ASP A 322 17.46 5.92 -0.16
N GLY A 323 17.09 5.95 -1.43
CA GLY A 323 16.64 4.73 -2.06
C GLY A 323 15.24 4.18 -1.68
N VAL A 324 14.57 4.84 -0.72
CA VAL A 324 13.36 4.27 -0.16
C VAL A 324 12.21 5.27 -0.29
N VAL A 325 12.27 6.39 0.32
CA VAL A 325 11.15 7.36 0.31
C VAL A 325 11.78 8.72 0.09
N PHE A 326 11.07 9.53 -0.68
CA PHE A 326 11.49 10.84 -1.19
C PHE A 326 10.38 11.80 -0.92
N THR A 327 10.67 12.93 -0.25
CA THR A 327 9.59 13.82 0.18
C THR A 327 10.07 15.23 0.06
N TYR A 328 9.23 16.04 -0.57
CA TYR A 328 9.52 17.44 -0.85
C TYR A 328 8.43 18.31 -0.39
N VAL A 329 8.79 19.49 0.15
CA VAL A 329 7.79 20.43 0.64
C VAL A 329 7.91 21.73 -0.19
N VAL A 330 6.79 22.42 -0.31
CA VAL A 330 6.81 23.83 -0.83
C VAL A 330 6.73 24.71 0.42
N GLU A 331 7.77 25.52 0.50
CA GLU A 331 7.87 26.45 1.62
C GLU A 331 7.98 27.84 1.06
N ASN A 332 7.04 28.68 1.44
CA ASN A 332 7.24 30.14 1.22
C ASN A 332 6.90 30.91 2.49
N ASP A 333 7.56 32.05 2.68
CA ASP A 333 7.39 32.89 3.89
C ASP A 333 7.60 32.07 5.15
N LYS A 334 8.53 31.11 4.96
CA LYS A 334 8.92 30.22 6.03
C LYS A 334 7.81 29.26 6.48
N LYS A 335 6.84 29.00 5.61
CA LYS A 335 5.74 28.14 6.01
C LYS A 335 5.63 27.00 5.01
N VAL A 336 5.43 25.79 5.54
CA VAL A 336 5.17 24.65 4.61
C VAL A 336 3.69 24.71 4.21
N THR A 337 3.43 24.90 2.90
CA THR A 337 2.05 25.01 2.46
C THR A 337 1.62 23.82 1.54
N ASP A 338 2.61 23.07 1.06
CA ASP A 338 2.27 21.90 0.19
C ASP A 338 3.37 20.90 0.42
N PHE A 339 3.10 19.61 0.05
CA PHE A 339 4.21 18.64 0.00
C PHE A 339 3.76 17.42 -0.82
N PHE A 340 4.79 16.69 -1.26
CA PHE A 340 4.46 15.37 -1.90
C PHE A 340 5.49 14.37 -1.49
N SER A 341 5.17 13.09 -1.59
CA SER A 341 6.14 12.07 -1.33
C SER A 341 5.93 10.95 -2.34
N PHE A 342 7.03 10.22 -2.59
CA PHE A 342 6.92 8.96 -3.37
C PHE A 342 7.92 7.99 -2.83
N TYR A 343 7.58 6.69 -2.98
CA TYR A 343 8.49 5.66 -2.52
C TYR A 343 8.92 4.74 -3.68
N ARG A 344 10.05 4.05 -3.52
CA ARG A 344 10.66 3.24 -4.58
C ARG A 344 10.47 1.77 -4.34
N ILE A 345 9.91 1.10 -5.36
CA ILE A 345 9.94 -0.36 -5.41
C ILE A 345 10.46 -0.78 -6.77
N PRO A 346 11.66 -1.29 -6.88
CA PRO A 346 12.05 -1.81 -8.19
C PRO A 346 11.40 -3.20 -8.38
N SER A 347 11.16 -3.54 -9.65
CA SER A 347 10.72 -4.89 -9.92
C SER A 347 11.82 -5.55 -10.78
N THR A 348 12.04 -6.84 -10.49
CA THR A 348 12.89 -7.68 -11.35
C THR A 348 12.24 -7.86 -12.69
N VAL A 349 13.02 -7.65 -13.77
CA VAL A 349 12.54 -7.90 -15.13
C VAL A 349 12.95 -9.30 -15.50
N ILE A 350 12.00 -10.18 -15.49
CA ILE A 350 12.27 -11.68 -15.40
C ILE A 350 12.76 -12.21 -16.70
N GLY A 351 12.19 -11.75 -17.82
CA GLY A 351 12.43 -12.42 -19.11
C GLY A 351 13.35 -11.73 -20.09
N ASN A 352 13.59 -10.43 -19.90
CA ASN A 352 14.44 -9.61 -20.76
C ASN A 352 15.85 -9.76 -20.21
N SER A 353 16.78 -10.18 -21.08
CA SER A 353 18.20 -10.33 -20.78
C SER A 353 18.91 -8.97 -20.48
N ASN A 354 18.46 -7.90 -21.13
CA ASN A 354 19.16 -6.58 -21.16
C ASN A 354 18.89 -5.55 -20.04
N TYR A 355 17.83 -5.78 -19.27
CA TYR A 355 17.62 -4.98 -18.06
C TYR A 355 17.40 -5.87 -16.85
N ASN A 356 17.98 -5.55 -15.73
CA ASN A 356 17.72 -6.38 -14.56
C ASN A 356 16.42 -5.90 -13.87
N LEU A 357 16.23 -4.58 -13.86
CA LEU A 357 15.23 -3.96 -12.93
C LEU A 357 14.43 -2.93 -13.65
N LEU A 358 13.18 -2.81 -13.20
CA LEU A 358 12.29 -1.69 -13.61
C LEU A 358 12.20 -0.77 -12.37
N ASN A 359 12.62 0.51 -12.46
CA ASN A 359 12.75 1.28 -11.25
C ASN A 359 11.46 2.15 -11.15
N ALA A 360 10.52 1.76 -10.29
CA ALA A 360 9.22 2.47 -10.18
C ALA A 360 9.18 3.32 -8.95
N ALA A 361 8.61 4.52 -9.13
CA ALA A 361 8.20 5.45 -8.06
C ALA A 361 6.70 5.41 -7.89
N TYR A 362 6.28 5.25 -6.66
CA TYR A 362 4.87 5.17 -6.29
C TYR A 362 4.43 6.39 -5.58
N VAL A 363 3.35 7.03 -6.00
CA VAL A 363 2.82 8.22 -5.34
C VAL A 363 2.39 7.83 -3.91
N HIS A 364 2.90 8.62 -2.95
CA HIS A 364 2.64 8.35 -1.53
C HIS A 364 1.72 9.45 -1.05
N TYR A 365 1.83 9.89 0.18
CA TYR A 365 0.94 10.99 0.65
C TYR A 365 1.39 12.35 0.11
N TYR A 366 0.43 13.28 0.02
CA TYR A 366 0.70 14.66 -0.42
C TYR A 366 -0.43 15.55 0.17
N ALA A 367 -0.14 16.88 0.04
CA ALA A 367 -1.27 17.84 0.37
C ALA A 367 -0.88 19.14 -0.36
N ALA A 368 -1.87 19.72 -1.03
CA ALA A 368 -1.72 20.99 -1.74
C ALA A 368 -2.65 21.98 -1.11
N THR A 369 -2.09 23.13 -0.70
CA THR A 369 -2.99 24.24 -0.25
C THR A 369 -2.77 25.51 -1.02
N SER A 370 -1.68 25.63 -1.71
CA SER A 370 -1.28 26.89 -2.42
C SER A 370 -1.33 26.81 -3.93
N ILE A 371 -1.31 25.58 -4.48
CA ILE A 371 -1.24 25.39 -5.94
C ILE A 371 -2.14 24.27 -6.37
N PRO A 372 -2.52 24.22 -7.67
CA PRO A 372 -3.30 23.09 -8.10
C PRO A 372 -2.51 21.78 -7.85
N LEU A 373 -3.29 20.74 -7.55
CA LEU A 373 -2.62 19.41 -7.34
C LEU A 373 -1.82 19.01 -8.57
N HIS A 374 -2.30 19.20 -9.80
CA HIS A 374 -1.50 18.85 -10.95
C HIS A 374 -0.16 19.55 -11.02
N GLN A 375 -0.14 20.83 -10.53
CA GLN A 375 1.16 21.52 -10.52
C GLN A 375 2.19 20.99 -9.44
N LEU A 376 1.62 20.58 -8.32
CA LEU A 376 2.43 19.92 -7.33
C LEU A 376 3.00 18.60 -7.81
N ILE A 377 2.11 17.78 -8.41
CA ILE A 377 2.51 16.42 -8.78
C ILE A 377 3.41 16.41 -10.03
N LEU A 378 3.34 17.51 -10.84
CA LEU A 378 4.29 17.64 -11.95
C LEU A 378 5.73 17.65 -11.41
N ASP A 379 5.93 18.37 -10.28
CA ASP A 379 7.29 18.36 -9.75
C ASP A 379 7.68 16.97 -9.16
N LEU A 380 6.69 16.18 -8.66
CA LEU A 380 7.03 14.79 -8.35
C LEU A 380 7.57 14.01 -9.56
N LEU A 381 6.88 14.16 -10.72
CA LEU A 381 7.33 13.49 -11.89
C LEU A 381 8.73 13.98 -12.31
N ILE A 382 8.94 15.33 -12.17
CA ILE A 382 10.25 15.90 -12.54
C ILE A 382 11.35 15.30 -11.68
N VAL A 383 11.10 15.32 -10.37
CA VAL A 383 12.07 14.77 -9.44
C VAL A 383 12.33 13.31 -9.65
N ALA A 384 11.26 12.52 -9.82
CA ALA A 384 11.48 11.11 -10.08
C ALA A 384 12.30 10.82 -11.36
N HIS A 385 11.96 11.51 -12.44
CA HIS A 385 12.67 11.33 -13.67
C HIS A 385 14.14 11.69 -13.50
N SER A 386 14.39 12.81 -12.82
CA SER A 386 15.77 13.30 -12.65
C SER A 386 16.58 12.28 -11.82
N ARG A 387 15.90 11.57 -10.92
CA ARG A 387 16.54 10.59 -10.11
C ARG A 387 16.65 9.20 -10.75
N GLY A 388 16.25 9.04 -11.98
CA GLY A 388 16.47 7.75 -12.60
C GLY A 388 15.31 6.78 -12.59
N PHE A 389 14.17 7.25 -12.14
CA PHE A 389 13.00 6.34 -12.20
C PHE A 389 12.47 6.16 -13.59
N ASP A 390 11.90 4.98 -13.84
CA ASP A 390 11.41 4.65 -15.18
C ASP A 390 9.91 4.94 -15.37
N VAL A 391 9.12 4.88 -14.26
CA VAL A 391 7.70 5.05 -14.33
C VAL A 391 7.26 5.48 -12.95
N CYS A 392 6.15 6.20 -12.91
CA CYS A 392 5.50 6.62 -11.68
C CYS A 392 4.15 5.89 -11.66
N ASN A 393 3.91 5.11 -10.59
CA ASN A 393 2.65 4.32 -10.44
C ASN A 393 1.83 4.87 -9.31
N MET A 394 0.55 4.66 -9.39
CA MET A 394 -0.39 5.01 -8.33
C MET A 394 -1.69 4.24 -8.47
N VAL A 395 -2.43 4.19 -7.42
CA VAL A 395 -3.84 3.70 -7.53
C VAL A 395 -4.73 4.93 -7.47
N GLU A 396 -5.95 4.87 -8.05
CA GLU A 396 -6.84 6.00 -8.05
C GLU A 396 -7.51 6.30 -6.73
N ILE A 397 -6.77 6.24 -5.64
CA ILE A 397 -7.22 6.70 -4.31
C ILE A 397 -6.94 8.22 -4.14
N LEU A 398 -7.27 8.74 -2.97
CA LEU A 398 -7.03 10.18 -2.69
C LEU A 398 -7.67 11.05 -3.79
N ASP A 399 -7.00 12.09 -4.25
CA ASP A 399 -7.47 12.83 -5.42
C ASP A 399 -6.61 12.55 -6.63
N ASN A 400 -6.10 11.29 -6.72
CA ASN A 400 -5.18 10.97 -7.81
C ASN A 400 -5.81 11.10 -9.20
N ARG A 401 -7.12 10.88 -9.25
CA ARG A 401 -7.83 11.07 -10.59
C ARG A 401 -7.80 12.52 -11.09
N SER A 402 -7.54 13.46 -10.18
CA SER A 402 -7.61 14.87 -10.59
C SER A 402 -6.43 15.32 -11.42
N PHE A 403 -5.35 14.56 -11.56
CA PHE A 403 -4.27 14.97 -12.37
C PHE A 403 -3.84 13.92 -13.42
N VAL A 404 -4.64 12.86 -13.57
CA VAL A 404 -4.27 11.77 -14.54
C VAL A 404 -4.07 12.29 -15.97
N GLU A 405 -5.07 13.04 -16.51
CA GLU A 405 -4.97 13.32 -17.95
C GLU A 405 -3.99 14.42 -18.25
N GLN A 406 -3.97 15.41 -17.39
CA GLN A 406 -3.02 16.50 -17.69
C GLN A 406 -1.52 16.10 -17.55
N LEU A 407 -1.29 15.18 -16.61
CA LEU A 407 0.04 14.69 -16.40
C LEU A 407 0.36 13.42 -17.13
N LYS A 408 -0.57 13.04 -18.01
CA LYS A 408 -0.28 11.91 -18.96
C LYS A 408 -0.07 10.55 -18.23
N PHE A 409 -0.81 10.32 -17.17
CA PHE A 409 -0.92 8.97 -16.60
C PHE A 409 -1.92 8.19 -17.50
N GLY A 410 -1.65 6.93 -17.64
CA GLY A 410 -2.58 5.99 -18.33
C GLY A 410 -3.04 4.91 -17.40
N ALA A 411 -4.28 4.46 -17.49
CA ALA A 411 -4.77 3.36 -16.73
C ALA A 411 -4.06 2.05 -17.09
N GLY A 412 -3.82 1.22 -16.07
CA GLY A 412 -3.14 -0.06 -16.31
C GLY A 412 -4.10 -1.23 -16.18
N ASP A 413 -3.52 -2.42 -16.23
CA ASP A 413 -4.45 -3.56 -16.09
C ASP A 413 -4.65 -4.02 -14.61
N GLY A 414 -3.91 -3.43 -13.67
CA GLY A 414 -4.08 -3.83 -12.28
C GLY A 414 -5.23 -3.11 -11.58
N HIS A 415 -5.75 -3.78 -10.57
CA HIS A 415 -6.76 -3.21 -9.65
C HIS A 415 -6.38 -3.62 -8.27
N LEU A 416 -6.23 -2.63 -7.42
CA LEU A 416 -5.92 -2.88 -5.99
C LEU A 416 -7.24 -2.87 -5.19
N ARG A 417 -7.53 -3.98 -4.55
CA ARG A 417 -8.75 -4.14 -3.74
C ARG A 417 -8.39 -3.94 -2.28
N TYR A 418 -9.22 -3.19 -1.57
CA TYR A 418 -9.07 -2.91 -0.14
C TYR A 418 -10.02 -3.74 0.70
N TYR A 419 -9.50 -4.34 1.76
CA TYR A 419 -10.29 -5.27 2.61
C TYR A 419 -10.09 -4.95 4.03
N PHE A 420 -11.13 -5.27 4.82
CA PHE A 420 -10.96 -5.38 6.25
C PHE A 420 -11.17 -6.80 6.71
N TYR A 421 -10.57 -7.14 7.82
CA TYR A 421 -10.75 -8.41 8.51
C TYR A 421 -11.58 -8.03 9.75
N ASN A 422 -12.66 -8.78 9.96
CA ASN A 422 -13.55 -8.49 11.14
C ASN A 422 -14.13 -7.08 11.19
N TRP A 423 -14.61 -6.58 10.08
CA TRP A 423 -15.20 -5.24 10.01
C TRP A 423 -16.15 -5.18 8.89
N ALA A 424 -17.44 -5.03 9.21
CA ALA A 424 -18.42 -4.73 8.18
C ALA A 424 -18.32 -3.33 7.76
N TYR A 425 -18.30 -3.07 6.44
CA TYR A 425 -18.11 -1.73 5.97
C TYR A 425 -18.83 -1.61 4.62
N PRO A 426 -19.64 -0.53 4.46
CA PRO A 426 -20.30 -0.33 3.16
C PRO A 426 -19.31 -0.17 2.05
N LYS A 427 -19.72 -0.51 0.83
CA LYS A 427 -18.88 -0.21 -0.36
C LYS A 427 -18.68 1.29 -0.47
N ILE A 428 -17.43 1.66 -0.75
CA ILE A 428 -17.07 3.04 -1.05
C ILE A 428 -16.29 3.18 -2.36
N LYS A 429 -16.28 4.38 -2.97
CA LYS A 429 -15.49 4.64 -4.19
C LYS A 429 -13.98 4.71 -3.72
N PRO A 430 -13.06 4.38 -4.63
CA PRO A 430 -11.66 4.48 -4.16
C PRO A 430 -11.22 5.90 -3.91
N SER A 431 -11.94 6.90 -4.43
CA SER A 431 -11.64 8.31 -4.14
C SER A 431 -12.10 8.71 -2.75
N GLN A 432 -12.64 7.79 -1.99
CA GLN A 432 -12.93 7.98 -0.58
C GLN A 432 -11.98 7.23 0.35
N VAL A 433 -10.87 6.70 -0.25
CA VAL A 433 -9.85 5.94 0.52
C VAL A 433 -8.55 6.83 0.51
N ALA A 434 -8.02 6.99 1.73
CA ALA A 434 -6.81 7.85 1.91
C ALA A 434 -5.69 7.02 2.50
N LEU A 435 -5.81 5.70 2.58
CA LEU A 435 -4.71 4.82 3.13
C LEU A 435 -3.86 4.34 1.94
N VAL A 436 -2.59 4.75 1.93
CA VAL A 436 -1.59 4.29 0.89
C VAL A 436 -0.93 3.02 1.39
N MET A 437 -0.95 1.99 0.55
CA MET A 437 -0.34 0.70 0.94
C MET A 437 1.01 0.63 0.27
N LEU A 438 1.97 0.19 1.10
CA LEU A 438 3.35 -0.05 0.62
C LEU A 438 3.55 -1.33 -0.09
CL CL B . 0.11 -2.01 -17.23
C1 GOL C . 1.34 2.27 5.55
O1 GOL C . 0.11 1.96 4.84
C2 GOL C . 1.02 3.64 6.18
O2 GOL C . 0.58 4.51 5.16
C3 GOL C . -0.24 3.60 7.02
O3 GOL C . 0.03 2.71 8.01
CLJ QMI D . -0.14 -4.97 -13.29
CAE QMI D . 0.14 -4.35 -11.67
CAD QMI D . -0.78 -4.87 -10.76
CAC QMI D . -0.57 -4.55 -9.47
BRU QMI D . -1.85 -5.21 -8.24
CAB QMI D . 0.46 -3.72 -9.02
CAA QMI D . 1.35 -3.24 -9.99
CLI QMI D . 2.61 -2.25 -9.32
CAF QMI D . 1.19 -3.46 -11.40
SAG QMI D . 2.24 -2.92 -12.60
OAH QMI D . 3.04 -1.86 -12.08
OAT QMI D . 1.52 -2.54 -13.80
NAK QMI D . 3.14 -4.22 -13.00
CAL QMI D . 4.07 -4.77 -12.14
CAP QMI D . 3.77 -5.90 -11.30
CAR QMI D . 2.51 -6.70 -11.06
NAO QMI D . 4.93 -6.07 -10.64
CAQ QMI D . 5.23 -7.11 -9.61
NAN QMI D . 5.88 -5.15 -10.99
CAM QMI D . 5.35 -4.33 -11.93
CAS QMI D . 6.19 -3.23 -12.52
S1 MYA E . -1.40 -9.47 -0.93
C2 MYA E . 0.07 -10.20 -1.66
C3 MYA E . -0.08 -11.68 -1.63
N4 MYA E . 1.22 -12.30 -1.99
C5 MYA E . 1.53 -12.71 -3.24
O5 MYA E . 0.66 -12.62 -4.14
C6 MYA E . 2.89 -13.31 -3.45
C7 MYA E . 2.81 -14.45 -4.49
N8 MYA E . 1.93 -15.53 -4.06
C9 MYA E . 2.10 -16.26 -2.93
O9 MYA E . 3.07 -16.16 -2.18
C10 MYA E . 1.08 -17.29 -2.65
O10 MYA E . 0.38 -17.61 -3.86
C11 MYA E . 0.03 -16.87 -1.59
C12 MYA E . -1.09 -17.89 -1.45
C13 MYA E . 0.71 -16.71 -0.22
C14 MYA E . -0.61 -15.48 -1.92
N1A MYA E . -4.60 -12.86 0.38
O1A MYA E . -3.06 -23.25 -0.68
P1A MYA E . -2.58 -21.84 -0.24
C1X MYA E . -6.18 -17.71 -0.29
C2A MYA E . -5.42 -13.61 1.17
O2A MYA E . -1.49 -21.77 0.70
P2A MYA E . -0.81 -20.45 -2.07
C2M MYA E . -0.98 -9.39 0.74
O2M MYA E . 0.16 -9.58 1.18
C2X MYA E . -7.04 -18.40 -1.35
O2X MYA E . -8.26 -17.72 -1.66
N3A MYA E . -5.78 -14.88 0.82
O3A MYA E . -2.22 -20.94 -1.58
C3M MYA E . -2.17 -9.19 1.69
C3X MYA E . -7.23 -19.68 -0.55
O3X MYA E . -8.27 -19.64 0.43
P3X MYA E . -9.72 -20.28 0.02
C4A MYA E . -5.23 -15.40 -0.32
O4A MYA E . -1.09 -19.94 -3.46
C4M MYA E . -2.43 -10.54 2.41
C4X MYA E . -5.99 -19.93 0.16
O4X MYA E . -5.27 -18.63 0.15
C5A MYA E . -4.47 -14.64 -1.17
O5A MYA E . 0.24 -21.33 -1.80
C5M MYA E . -3.64 -10.47 3.31
C5X MYA E . -5.09 -20.88 -0.62
O5X MYA E . -3.92 -21.08 0.19
C6A MYA E . -4.17 -13.27 -0.81
N6A MYA E . -3.42 -12.43 -1.59
O6A MYA E . -0.48 -19.12 -1.17
C6M MYA E . -3.87 -11.82 4.03
N7A MYA E . -4.15 -15.41 -2.25
O7A MYA E . -10.71 -19.89 1.07
C7M MYA E . -5.18 -11.80 4.84
C8A MYA E . -4.73 -16.62 -2.04
O8A MYA E . -10.14 -19.57 -1.26
C8M MYA E . -4.96 -11.02 6.15
N9A MYA E . -5.41 -16.62 -0.91
O9A MYA E . -9.50 -21.77 -0.12
C9M MYA E . -6.24 -11.12 7.09
CAM MYA E . -5.96 -10.39 8.45
CBM MYA E . -5.06 -11.15 9.42
CCM MYA E . -4.86 -10.47 10.78
CDM MYA E . -6.20 -10.17 11.48
CEM MYA E . -5.93 -9.43 12.80
CFM MYA E . -7.20 -9.08 13.53
#